data_1QA9
#
_entry.id   1QA9
#
_cell.length_a   179.820
_cell.length_b   33.470
_cell.length_c   108.430
_cell.angle_alpha   90.00
_cell.angle_beta   121.76
_cell.angle_gamma   90.00
#
_symmetry.space_group_name_H-M   'C 1 2 1'
#
loop_
_entity.id
_entity.type
_entity.pdbx_description
1 polymer 'HUMAN CD2 PROTEIN'
2 polymer 'HUMAN CD58 PROTEIN'
#
loop_
_entity_poly.entity_id
_entity_poly.type
_entity_poly.pdbx_seq_one_letter_code
_entity_poly.pdbx_strand_id
1 'polypeptide(L)'
;TNALETWGALGQDINLDIPSFQMSDDIDDIKWEKTSDKKKIAQFRKEKETFKEKDTYELLKNGALKIKHLKTDDQDIYKV
SIYDTKGKNVLEKIFDLKIQER
;
A,C
2 'polypeptide(L)'
;SSQQIYGVKYGNVTFHVPSNQPLKEVLWKKQKDKVAELENSEFRAFSSFKNRVYLDTKSGSLTIYNLTSSDEDEYEMESP
NITDSMKFFLYVGES
;
B,D
#
# COMPACT_ATOMS: atom_id res chain seq x y z
N THR A 1 2.10 -17.52 -0.52
CA THR A 1 0.95 -16.57 -0.49
C THR A 1 0.03 -16.90 0.68
N ASN A 2 0.17 -18.11 1.23
CA ASN A 2 -0.63 -18.57 2.34
C ASN A 2 -0.24 -17.87 3.65
N ALA A 3 -0.12 -16.56 3.57
CA ALA A 3 0.24 -15.74 4.73
C ALA A 3 -0.91 -15.76 5.74
N LEU A 4 -0.82 -16.65 6.72
CA LEU A 4 -1.85 -16.74 7.74
C LEU A 4 -1.99 -15.41 8.50
N GLU A 5 -2.68 -14.46 7.88
CA GLU A 5 -2.88 -13.13 8.46
C GLU A 5 -3.20 -13.18 9.95
N THR A 6 -2.38 -12.50 10.74
CA THR A 6 -2.57 -12.45 12.18
C THR A 6 -2.83 -11.01 12.59
N TRP A 7 -3.69 -10.84 13.59
CA TRP A 7 -4.07 -9.53 14.08
C TRP A 7 -3.59 -9.27 15.50
N GLY A 8 -2.76 -8.24 15.66
CA GLY A 8 -2.25 -7.90 16.97
C GLY A 8 -2.66 -6.50 17.38
N ALA A 9 -2.63 -6.21 18.67
CA ALA A 9 -3.01 -4.89 19.17
C ALA A 9 -1.83 -4.17 19.81
N LEU A 10 -1.55 -2.96 19.35
CA LEU A 10 -0.45 -2.15 19.85
C LEU A 10 -0.33 -2.14 21.37
N GLY A 11 0.87 -2.38 21.88
CA GLY A 11 1.08 -2.39 23.32
C GLY A 11 0.95 -3.76 23.98
N GLN A 12 0.07 -4.60 23.46
CA GLN A 12 -0.14 -5.94 24.03
C GLN A 12 0.80 -6.97 23.43
N ASP A 13 0.85 -8.16 24.05
CA ASP A 13 1.71 -9.24 23.56
C ASP A 13 0.94 -10.15 22.62
N ILE A 14 1.66 -10.92 21.81
CA ILE A 14 1.02 -11.83 20.86
C ILE A 14 1.77 -13.14 20.70
N ASN A 15 1.05 -14.18 20.32
CA ASN A 15 1.62 -15.51 20.14
C ASN A 15 1.46 -16.03 18.72
N LEU A 16 2.57 -16.36 18.07
CA LEU A 16 2.54 -16.89 16.71
C LEU A 16 2.63 -18.40 16.80
N ASP A 17 1.47 -19.05 16.77
CA ASP A 17 1.42 -20.50 16.88
C ASP A 17 1.49 -21.21 15.53
N ILE A 18 2.11 -22.39 15.54
CA ILE A 18 2.22 -23.22 14.34
C ILE A 18 1.07 -24.20 14.44
N PRO A 19 0.18 -24.23 13.44
CA PRO A 19 -0.98 -25.11 13.40
C PRO A 19 -0.79 -26.55 13.87
N SER A 20 -1.09 -27.48 12.97
CA SER A 20 -0.99 -28.90 13.27
C SER A 20 0.44 -29.38 13.54
N PHE A 21 1.22 -28.60 14.28
CA PHE A 21 2.59 -28.99 14.61
C PHE A 21 2.66 -29.74 15.93
N GLN A 22 3.56 -30.72 15.98
CA GLN A 22 3.73 -31.54 17.16
C GLN A 22 5.22 -31.69 17.43
N MET A 23 5.64 -31.34 18.64
CA MET A 23 7.05 -31.45 19.00
C MET A 23 7.49 -32.90 19.15
N SER A 24 8.52 -33.28 18.40
CA SER A 24 9.04 -34.65 18.46
C SER A 24 10.50 -34.67 18.91
N ASP A 25 11.20 -35.74 18.55
CA ASP A 25 12.61 -35.88 18.89
C ASP A 25 13.42 -35.68 17.61
N ASP A 26 12.74 -35.83 16.48
CA ASP A 26 13.37 -35.68 15.18
C ASP A 26 13.60 -34.21 14.89
N ILE A 27 13.01 -33.36 15.71
CA ILE A 27 13.15 -31.93 15.55
C ILE A 27 14.53 -31.48 15.98
N ASP A 28 15.07 -30.49 15.27
CA ASP A 28 16.39 -29.98 15.56
C ASP A 28 16.53 -28.47 15.42
N ASP A 29 16.20 -27.93 14.25
CA ASP A 29 16.33 -26.49 14.03
C ASP A 29 15.03 -25.78 13.77
N ILE A 30 14.52 -25.12 14.81
CA ILE A 30 13.31 -24.35 14.67
C ILE A 30 13.76 -22.91 14.44
N LYS A 31 13.47 -22.37 13.27
CA LYS A 31 13.89 -21.02 12.95
C LYS A 31 12.74 -20.05 12.73
N TRP A 32 12.90 -18.84 13.25
CA TRP A 32 11.90 -17.79 13.12
C TRP A 32 12.58 -16.58 12.50
N GLU A 33 12.23 -16.28 11.25
CA GLU A 33 12.83 -15.17 10.54
C GLU A 33 11.89 -14.00 10.28
N LYS A 34 12.45 -12.79 10.40
CA LYS A 34 11.69 -11.58 10.15
C LYS A 34 12.07 -11.08 8.77
N THR A 35 11.30 -11.52 7.78
CA THR A 35 11.53 -11.17 6.38
C THR A 35 12.30 -9.89 6.11
N SER A 36 11.59 -8.77 6.08
CA SER A 36 12.18 -7.47 5.82
C SER A 36 13.68 -7.37 6.07
N ASP A 37 14.07 -7.33 7.35
CA ASP A 37 15.47 -7.23 7.75
C ASP A 37 16.28 -8.48 7.38
N LYS A 38 15.60 -9.61 7.29
CA LYS A 38 16.21 -10.87 6.91
C LYS A 38 17.21 -11.51 7.88
N LYS A 39 16.89 -11.53 9.16
CA LYS A 39 17.77 -12.17 10.12
C LYS A 39 17.01 -12.72 11.32
N LYS A 40 17.18 -14.02 11.53
CA LYS A 40 16.53 -14.74 12.62
C LYS A 40 16.54 -13.97 13.94
N ILE A 41 15.45 -14.10 14.67
CA ILE A 41 15.29 -13.45 15.97
C ILE A 41 15.28 -14.51 17.06
N ALA A 42 14.81 -15.69 16.70
CA ALA A 42 14.74 -16.83 17.62
C ALA A 42 15.16 -18.09 16.88
N GLN A 43 15.70 -19.07 17.59
CA GLN A 43 16.12 -20.33 16.96
C GLN A 43 16.40 -21.38 18.01
N PHE A 44 15.78 -22.54 17.80
CA PHE A 44 15.91 -23.63 18.73
C PHE A 44 16.61 -24.73 18.08
N ARG A 45 17.79 -24.90 18.55
CA ARG A 45 18.57 -25.94 18.02
C ARG A 45 18.70 -26.90 19.15
N LYS A 46 18.31 -28.09 18.71
CA LYS A 46 18.20 -29.38 19.39
C LYS A 46 18.54 -29.04 20.78
N GLU A 47 19.71 -29.44 21.22
CA GLU A 47 20.10 -29.07 22.57
C GLU A 47 21.40 -28.28 22.52
N LYS A 48 21.26 -26.98 22.27
CA LYS A 48 22.40 -26.07 22.17
C LYS A 48 22.15 -24.68 22.78
N GLU A 49 21.01 -24.51 23.46
CA GLU A 49 20.61 -23.25 24.10
C GLU A 49 19.81 -22.33 23.18
N THR A 50 18.56 -22.08 23.57
CA THR A 50 17.66 -21.23 22.79
C THR A 50 18.22 -19.83 22.52
N PHE A 51 18.32 -19.45 21.25
CA PHE A 51 18.83 -18.13 20.87
C PHE A 51 17.71 -17.12 20.69
N LYS A 52 17.92 -15.90 21.19
CA LYS A 52 16.93 -14.83 21.07
C LYS A 52 17.62 -13.48 20.87
N GLU A 53 17.25 -12.77 19.79
CA GLU A 53 17.85 -11.48 19.51
C GLU A 53 17.55 -10.49 20.63
N LYS A 54 16.26 -10.30 20.91
CA LYS A 54 15.80 -9.40 21.97
C LYS A 54 14.86 -10.13 22.92
N ASP A 55 14.90 -9.77 24.20
CA ASP A 55 14.03 -10.39 25.19
C ASP A 55 12.59 -10.15 24.79
N THR A 56 12.40 -9.29 23.78
CA THR A 56 11.07 -8.98 23.29
C THR A 56 10.48 -10.27 22.75
N TYR A 57 11.34 -11.24 22.44
CA TYR A 57 10.88 -12.51 21.91
C TYR A 57 11.09 -13.64 22.92
N GLU A 58 10.29 -14.68 22.78
CA GLU A 58 10.40 -15.82 23.67
C GLU A 58 9.89 -17.07 22.98
N LEU A 59 10.67 -18.14 23.06
CA LEU A 59 10.31 -19.40 22.44
C LEU A 59 9.45 -20.23 23.38
N LEU A 60 8.31 -20.67 22.87
CA LEU A 60 7.40 -21.47 23.67
C LEU A 60 7.31 -22.88 23.11
N LYS A 61 7.29 -23.86 24.01
CA LYS A 61 7.21 -25.26 23.62
C LYS A 61 6.35 -25.40 22.38
N ASN A 62 6.87 -26.13 21.39
CA ASN A 62 6.19 -26.35 20.12
C ASN A 62 6.45 -25.18 19.18
N GLY A 63 7.69 -24.68 19.23
CA GLY A 63 8.14 -23.59 18.38
C GLY A 63 7.29 -22.34 18.25
N ALA A 64 6.64 -21.93 19.33
CA ALA A 64 5.80 -20.74 19.29
C ALA A 64 6.64 -19.49 19.61
N LEU A 65 6.59 -18.51 18.72
CA LEU A 65 7.33 -17.26 18.91
C LEU A 65 6.45 -16.25 19.63
N LYS A 66 6.99 -15.64 20.67
CA LYS A 66 6.22 -14.66 21.42
C LYS A 66 6.78 -13.25 21.24
N ILE A 67 5.93 -12.33 20.82
CA ILE A 67 6.35 -10.94 20.63
C ILE A 67 5.73 -10.04 21.71
N LYS A 68 6.52 -9.78 22.76
CA LYS A 68 6.09 -8.93 23.88
C LYS A 68 5.86 -7.48 23.47
N HIS A 69 4.98 -6.79 24.18
CA HIS A 69 4.62 -5.39 23.92
C HIS A 69 4.86 -5.00 22.48
N LEU A 70 3.91 -5.37 21.64
CA LEU A 70 3.96 -5.08 20.22
C LEU A 70 4.32 -3.63 19.99
N LYS A 71 4.93 -3.36 18.85
CA LYS A 71 5.32 -2.01 18.50
C LYS A 71 4.94 -1.75 17.06
N THR A 72 5.29 -0.57 16.57
CA THR A 72 4.99 -0.19 15.19
C THR A 72 5.88 -0.93 14.22
N ASP A 73 7.10 -1.25 14.67
CA ASP A 73 8.08 -1.95 13.85
C ASP A 73 7.75 -3.45 13.83
N ASP A 74 7.22 -3.94 14.95
CA ASP A 74 6.86 -5.35 15.11
C ASP A 74 5.86 -5.83 14.07
N GLN A 75 5.52 -4.96 13.14
CA GLN A 75 4.59 -5.29 12.07
C GLN A 75 5.41 -5.72 10.86
N ASP A 76 5.47 -7.02 10.62
CA ASP A 76 6.22 -7.53 9.49
C ASP A 76 5.71 -8.89 9.03
N ILE A 77 6.47 -9.52 8.16
CA ILE A 77 6.13 -10.84 7.64
C ILE A 77 7.08 -11.81 8.30
N TYR A 78 6.55 -12.63 9.19
CA TYR A 78 7.36 -13.60 9.91
C TYR A 78 7.23 -14.98 9.31
N LYS A 79 8.38 -15.66 9.19
CA LYS A 79 8.45 -16.99 8.61
C LYS A 79 9.09 -17.96 9.60
N VAL A 80 8.62 -19.19 9.59
CA VAL A 80 9.16 -20.21 10.47
C VAL A 80 9.70 -21.37 9.66
N SER A 81 10.93 -21.76 9.93
CA SER A 81 11.55 -22.89 9.23
C SER A 81 11.97 -23.92 10.26
N ILE A 82 11.37 -25.11 10.19
CA ILE A 82 11.68 -26.18 11.13
C ILE A 82 12.32 -27.36 10.40
N TYR A 83 13.51 -27.73 10.84
CA TYR A 83 14.26 -28.83 10.25
C TYR A 83 14.44 -30.00 11.22
N ASP A 84 14.50 -31.21 10.67
CA ASP A 84 14.67 -32.41 11.48
C ASP A 84 16.15 -32.72 11.70
N THR A 85 16.43 -33.86 12.31
CA THR A 85 17.80 -34.25 12.60
C THR A 85 18.54 -34.75 11.36
N LYS A 86 17.96 -34.53 10.19
CA LYS A 86 18.60 -34.98 8.96
C LYS A 86 18.79 -33.86 7.95
N GLY A 87 18.46 -32.63 8.36
CA GLY A 87 18.60 -31.51 7.45
C GLY A 87 17.41 -31.41 6.52
N LYS A 88 16.32 -32.08 6.88
CA LYS A 88 15.11 -32.06 6.08
C LYS A 88 14.13 -31.02 6.60
N ASN A 89 13.27 -30.51 5.72
CA ASN A 89 12.30 -29.51 6.11
C ASN A 89 11.03 -30.19 6.61
N VAL A 90 10.70 -29.96 7.88
CA VAL A 90 9.52 -30.56 8.47
C VAL A 90 8.26 -29.80 8.11
N LEU A 91 8.39 -28.50 7.95
CA LEU A 91 7.24 -27.68 7.59
C LEU A 91 7.66 -26.23 7.48
N GLU A 92 6.91 -25.48 6.67
CA GLU A 92 7.20 -24.08 6.47
C GLU A 92 5.91 -23.28 6.47
N LYS A 93 5.85 -22.27 7.32
CA LYS A 93 4.66 -21.41 7.43
C LYS A 93 5.02 -19.93 7.56
N ILE A 94 4.13 -19.09 7.05
CA ILE A 94 4.33 -17.65 7.07
C ILE A 94 3.20 -16.92 7.83
N PHE A 95 3.58 -15.95 8.65
CA PHE A 95 2.63 -15.18 9.44
C PHE A 95 2.64 -13.70 9.04
N ASP A 96 1.45 -13.12 8.90
CA ASP A 96 1.28 -11.71 8.53
C ASP A 96 0.84 -10.92 9.75
N LEU A 97 1.82 -10.51 10.55
CA LEU A 97 1.53 -9.75 11.76
C LEU A 97 1.06 -8.34 11.46
N LYS A 98 -0.25 -8.14 11.56
CA LYS A 98 -0.84 -6.83 11.32
C LYS A 98 -1.35 -6.29 12.64
N ILE A 99 -0.65 -5.30 13.19
CA ILE A 99 -1.03 -4.68 14.46
C ILE A 99 -1.96 -3.49 14.21
N GLN A 100 -3.09 -3.46 14.90
CA GLN A 100 -4.05 -2.38 14.73
C GLN A 100 -3.89 -1.27 15.77
N GLU A 101 -3.90 -0.03 15.30
CA GLU A 101 -3.78 1.11 16.18
C GLU A 101 -5.17 1.46 16.64
N ARG A 102 -5.80 0.51 17.34
CA ARG A 102 -7.15 0.67 17.87
C ARG A 102 -7.32 1.99 18.61
N SER B 1 22.66 -13.16 -10.40
CA SER B 1 21.81 -13.88 -9.41
C SER B 1 22.18 -15.36 -9.33
N SER B 2 21.39 -16.18 -10.03
CA SER B 2 21.62 -17.62 -10.07
C SER B 2 22.67 -17.97 -11.09
N GLN B 3 23.58 -18.86 -10.73
CA GLN B 3 24.62 -19.27 -11.63
C GLN B 3 24.44 -20.73 -11.98
N GLN B 4 24.55 -21.04 -13.26
CA GLN B 4 24.38 -22.41 -13.73
C GLN B 4 25.71 -23.17 -13.67
N ILE B 5 25.78 -24.15 -12.77
CA ILE B 5 27.00 -24.95 -12.62
C ILE B 5 26.84 -26.33 -13.23
N TYR B 6 27.69 -26.62 -14.21
CA TYR B 6 27.66 -27.90 -14.90
C TYR B 6 28.71 -28.81 -14.31
N GLY B 7 28.31 -30.06 -14.07
CA GLY B 7 29.24 -31.02 -13.52
C GLY B 7 29.22 -32.32 -14.27
N VAL B 8 29.84 -33.34 -13.70
CA VAL B 8 29.92 -34.65 -14.32
C VAL B 8 29.88 -35.76 -13.27
N LYS B 9 29.07 -36.79 -13.53
CA LYS B 9 28.93 -37.93 -12.63
C LYS B 9 30.27 -38.45 -12.13
N TYR B 10 30.31 -38.81 -10.85
CA TYR B 10 31.53 -39.34 -10.22
C TYR B 10 32.55 -38.25 -9.99
N GLY B 11 32.30 -37.10 -10.60
CA GLY B 11 33.21 -35.99 -10.44
C GLY B 11 32.83 -35.16 -9.23
N ASN B 12 33.28 -33.91 -9.22
CA ASN B 12 33.00 -33.01 -8.13
C ASN B 12 32.99 -31.57 -8.59
N VAL B 13 32.21 -30.75 -7.91
CA VAL B 13 32.08 -29.34 -8.25
C VAL B 13 32.42 -28.47 -7.05
N THR B 14 32.46 -27.17 -7.30
CA THR B 14 32.77 -26.18 -6.27
C THR B 14 31.96 -24.90 -6.49
N PHE B 15 31.12 -24.55 -5.52
CA PHE B 15 30.31 -23.35 -5.61
C PHE B 15 31.09 -22.15 -5.07
N HIS B 16 31.68 -21.37 -5.97
CA HIS B 16 32.46 -20.20 -5.61
C HIS B 16 31.63 -19.03 -5.15
N VAL B 17 31.82 -18.63 -3.90
CA VAL B 17 31.10 -17.50 -3.35
C VAL B 17 32.00 -16.28 -3.36
N PRO B 18 31.64 -15.27 -4.15
CA PRO B 18 32.46 -14.05 -4.22
C PRO B 18 32.38 -13.27 -2.92
N SER B 19 33.20 -13.64 -1.95
CA SER B 19 33.22 -12.98 -0.64
C SER B 19 34.50 -12.19 -0.40
N ASN B 20 34.65 -11.72 0.84
CA ASN B 20 35.82 -10.94 1.27
C ASN B 20 35.97 -11.18 2.78
N GLN B 21 34.93 -10.83 3.53
CA GLN B 21 34.94 -11.00 4.98
C GLN B 21 34.64 -12.46 5.34
N PRO B 22 35.38 -13.03 6.32
CA PRO B 22 35.17 -14.43 6.72
C PRO B 22 33.86 -14.65 7.48
N LEU B 23 32.78 -14.83 6.71
CA LEU B 23 31.47 -15.07 7.30
C LEU B 23 31.53 -16.33 8.13
N LYS B 24 31.50 -16.19 9.44
CA LYS B 24 31.57 -17.35 10.32
C LYS B 24 30.20 -17.83 10.78
N GLU B 25 29.33 -18.07 9.80
CA GLU B 25 27.98 -18.55 10.04
C GLU B 25 27.34 -18.64 8.67
N VAL B 26 27.21 -19.85 8.17
CA VAL B 26 26.64 -20.05 6.84
C VAL B 26 25.83 -21.35 6.76
N LEU B 27 24.91 -21.39 5.82
CA LEU B 27 24.07 -22.56 5.63
C LEU B 27 23.77 -22.83 4.15
N TRP B 28 24.16 -24.01 3.66
CA TRP B 28 23.92 -24.39 2.26
C TRP B 28 22.69 -25.27 2.13
N LYS B 29 21.87 -24.98 1.13
CA LYS B 29 20.65 -25.74 0.95
C LYS B 29 20.43 -26.29 -0.46
N LYS B 30 19.89 -27.50 -0.52
CA LYS B 30 19.57 -28.12 -1.79
C LYS B 30 18.05 -28.04 -1.83
N GLN B 31 17.58 -26.81 -2.05
CA GLN B 31 16.15 -26.53 -2.08
C GLN B 31 15.68 -26.46 -0.64
N LYS B 32 14.52 -27.03 -0.35
CA LYS B 32 13.96 -26.99 1.00
C LYS B 32 14.84 -27.59 2.09
N ASP B 33 15.68 -28.56 1.72
CA ASP B 33 16.53 -29.21 2.69
C ASP B 33 17.96 -28.67 2.78
N LYS B 34 18.56 -28.87 3.94
CA LYS B 34 19.92 -28.43 4.23
C LYS B 34 20.96 -29.35 3.64
N VAL B 35 22.17 -28.83 3.47
CA VAL B 35 23.27 -29.59 2.92
C VAL B 35 24.41 -29.59 3.92
N ALA B 36 24.89 -28.38 4.21
CA ALA B 36 25.98 -28.19 5.15
C ALA B 36 25.80 -26.84 5.82
N GLU B 37 26.22 -26.75 7.07
CA GLU B 37 26.09 -25.50 7.80
C GLU B 37 27.27 -25.23 8.73
N LEU B 38 27.37 -23.97 9.13
CA LEU B 38 28.42 -23.47 10.01
C LEU B 38 27.82 -22.71 11.20
N GLU B 39 27.80 -23.33 12.38
CA GLU B 39 27.23 -22.64 13.53
C GLU B 39 28.25 -22.44 14.64
N ASN B 40 28.53 -21.17 14.91
CA ASN B 40 29.48 -20.70 15.93
C ASN B 40 30.78 -21.45 15.80
N SER B 41 30.97 -22.04 14.63
CA SER B 41 32.15 -22.82 14.29
C SER B 41 31.97 -24.27 14.75
N GLU B 42 31.17 -25.00 14.01
CA GLU B 42 30.91 -26.41 14.28
C GLU B 42 30.27 -26.95 13.02
N PHE B 43 31.12 -27.28 12.06
CA PHE B 43 30.69 -27.81 10.77
C PHE B 43 29.70 -28.96 10.92
N ARG B 44 28.87 -29.15 9.90
CA ARG B 44 27.88 -30.21 9.94
C ARG B 44 27.26 -30.50 8.58
N ALA B 45 27.59 -31.65 8.01
CA ALA B 45 27.05 -32.04 6.72
C ALA B 45 25.85 -32.94 7.00
N PHE B 46 24.82 -32.84 6.18
CA PHE B 46 23.63 -33.65 6.43
C PHE B 46 23.38 -34.75 5.42
N SER B 47 22.72 -35.79 5.89
CA SER B 47 22.37 -36.93 5.06
C SER B 47 23.48 -37.31 4.10
N SER B 48 23.08 -37.60 2.88
CA SER B 48 24.00 -38.01 1.81
C SER B 48 25.28 -37.20 1.72
N PHE B 49 25.18 -35.89 1.90
CA PHE B 49 26.35 -35.03 1.78
C PHE B 49 27.43 -35.20 2.85
N LYS B 50 27.29 -36.21 3.69
CA LYS B 50 28.26 -36.47 4.73
C LYS B 50 29.57 -36.99 4.11
N ASN B 51 30.70 -36.41 4.52
CA ASN B 51 32.04 -36.77 4.03
C ASN B 51 32.21 -36.37 2.57
N ARG B 52 31.07 -36.09 1.95
CA ARG B 52 30.98 -35.73 0.54
C ARG B 52 31.27 -34.28 0.20
N VAL B 53 31.50 -33.44 1.19
CA VAL B 53 31.73 -32.04 0.87
C VAL B 53 32.78 -31.33 1.71
N TYR B 54 33.12 -30.11 1.28
CA TYR B 54 34.09 -29.28 1.97
C TYR B 54 33.66 -27.84 1.86
N LEU B 55 33.58 -27.17 3.01
CA LEU B 55 33.18 -25.78 3.10
C LEU B 55 34.34 -24.85 3.44
N ASP B 56 34.57 -23.88 2.57
CA ASP B 56 35.63 -22.90 2.75
C ASP B 56 35.29 -21.97 3.91
N THR B 57 36.03 -22.11 5.00
CA THR B 57 35.83 -21.31 6.19
C THR B 57 36.21 -19.84 6.05
N LYS B 58 36.27 -19.35 4.82
CA LYS B 58 36.62 -17.96 4.60
C LYS B 58 35.72 -17.33 3.54
N SER B 59 35.67 -17.94 2.36
CA SER B 59 34.85 -17.43 1.28
C SER B 59 33.54 -18.22 1.17
N GLY B 60 33.13 -18.79 2.29
CA GLY B 60 31.91 -19.58 2.36
C GLY B 60 31.58 -20.35 1.10
N SER B 61 32.61 -20.78 0.38
CA SER B 61 32.38 -21.53 -0.83
C SER B 61 32.17 -22.99 -0.44
N LEU B 62 31.38 -23.70 -1.24
CA LEU B 62 31.09 -25.10 -0.98
C LEU B 62 31.64 -25.99 -2.08
N THR B 63 32.08 -27.19 -1.68
CA THR B 63 32.62 -28.15 -2.63
C THR B 63 32.05 -29.53 -2.38
N ILE B 64 31.34 -30.05 -3.37
CA ILE B 64 30.76 -31.38 -3.27
C ILE B 64 31.62 -32.34 -4.07
N TYR B 65 31.72 -33.56 -3.57
CA TYR B 65 32.51 -34.60 -4.22
C TYR B 65 31.65 -35.76 -4.66
N ASN B 66 32.11 -36.45 -5.69
CA ASN B 66 31.39 -37.62 -6.18
C ASN B 66 29.94 -37.33 -6.49
N LEU B 67 29.70 -36.68 -7.62
CA LEU B 67 28.34 -36.37 -8.03
C LEU B 67 27.58 -37.66 -8.33
N THR B 68 26.29 -37.67 -8.05
CA THR B 68 25.48 -38.88 -8.26
C THR B 68 24.23 -38.71 -9.12
N SER B 69 24.16 -37.62 -9.88
CA SER B 69 23.01 -37.36 -10.75
C SER B 69 21.76 -37.01 -9.95
N SER B 70 21.69 -37.51 -8.72
CA SER B 70 20.56 -37.24 -7.84
C SER B 70 20.83 -35.91 -7.16
N ASP B 71 21.95 -35.30 -7.53
CA ASP B 71 22.37 -34.03 -6.98
C ASP B 71 22.02 -32.86 -7.88
N GLU B 72 21.66 -33.17 -9.12
CA GLU B 72 21.29 -32.14 -10.08
C GLU B 72 20.03 -31.47 -9.56
N ASP B 73 20.20 -30.34 -8.88
CA ASP B 73 19.07 -29.63 -8.32
C ASP B 73 19.35 -28.14 -8.20
N GLU B 74 18.57 -27.47 -7.37
CA GLU B 74 18.69 -26.04 -7.13
C GLU B 74 19.32 -25.83 -5.76
N TYR B 75 20.47 -25.16 -5.73
CA TYR B 75 21.16 -24.90 -4.48
C TYR B 75 21.13 -23.43 -4.12
N GLU B 76 21.10 -23.15 -2.82
CA GLU B 76 21.06 -21.78 -2.33
C GLU B 76 21.74 -21.71 -0.98
N MET B 77 22.42 -20.60 -0.73
CA MET B 77 23.12 -20.41 0.51
C MET B 77 22.69 -19.12 1.20
N GLU B 78 22.85 -19.08 2.51
CA GLU B 78 22.49 -17.91 3.30
C GLU B 78 23.58 -17.59 4.34
N SER B 79 23.62 -16.34 4.79
CA SER B 79 24.59 -15.90 5.79
C SER B 79 24.21 -14.51 6.31
N PRO B 80 24.42 -14.26 7.61
CA PRO B 80 24.10 -12.95 8.23
C PRO B 80 24.92 -11.78 7.70
N ASN B 81 26.24 -11.98 7.55
CA ASN B 81 27.13 -10.95 7.03
C ASN B 81 26.86 -10.98 5.52
N ILE B 82 25.58 -10.98 5.22
CA ILE B 82 24.95 -11.06 3.90
C ILE B 82 24.80 -9.77 3.10
N THR B 83 24.19 -9.94 1.94
CA THR B 83 23.82 -8.92 0.96
C THR B 83 22.96 -9.69 -0.04
N ASP B 84 21.80 -10.15 0.43
CA ASP B 84 20.82 -10.93 -0.35
C ASP B 84 21.36 -12.17 -1.09
N SER B 85 20.78 -13.31 -0.69
CA SER B 85 21.08 -14.66 -1.17
C SER B 85 21.76 -14.93 -2.52
N MET B 86 22.36 -16.12 -2.57
CA MET B 86 23.07 -16.62 -3.75
C MET B 86 22.46 -17.99 -4.10
N LYS B 87 21.95 -18.12 -5.32
CA LYS B 87 21.31 -19.36 -5.75
C LYS B 87 21.98 -20.03 -6.95
N PHE B 88 22.64 -21.16 -6.69
CA PHE B 88 23.30 -21.89 -7.75
C PHE B 88 22.45 -23.05 -8.24
N PHE B 89 22.56 -23.37 -9.52
CA PHE B 89 21.81 -24.49 -10.08
C PHE B 89 22.76 -25.51 -10.68
N LEU B 90 22.84 -26.67 -10.04
CA LEU B 90 23.74 -27.71 -10.52
C LEU B 90 23.13 -28.64 -11.56
N TYR B 91 23.87 -28.83 -12.64
CA TYR B 91 23.43 -29.68 -13.72
C TYR B 91 24.41 -30.85 -13.84
N VAL B 92 24.13 -31.93 -13.13
CA VAL B 92 25.00 -33.10 -13.17
C VAL B 92 25.20 -33.57 -14.61
N GLY B 93 26.28 -33.13 -15.23
CA GLY B 93 26.55 -33.53 -16.61
C GLY B 93 26.53 -35.04 -16.76
N GLU B 94 26.64 -35.51 -18.00
CA GLU B 94 26.64 -36.93 -18.28
C GLU B 94 27.82 -37.63 -17.62
N SER B 95 28.81 -37.99 -18.42
CA SER B 95 30.00 -38.67 -17.90
C SER B 95 30.84 -37.70 -17.06
N THR C 1 -1.87 11.01 2.79
CA THR C 1 -2.91 11.87 3.44
C THR C 1 -4.16 11.04 3.74
N ASN C 2 -4.63 11.11 4.97
CA ASN C 2 -5.81 10.36 5.39
C ASN C 2 -6.88 11.15 6.13
N ALA C 3 -8.07 10.56 6.17
CA ALA C 3 -9.23 11.14 6.83
C ALA C 3 -10.30 10.04 6.94
N LEU C 4 -10.96 9.97 8.10
CA LEU C 4 -11.99 8.97 8.37
C LEU C 4 -11.91 7.73 7.48
N GLU C 5 -10.92 6.89 7.73
CA GLU C 5 -10.76 5.66 6.96
C GLU C 5 -11.93 4.75 7.23
N THR C 6 -12.61 4.32 6.17
CA THR C 6 -13.78 3.46 6.30
C THR C 6 -13.49 2.02 5.87
N TRP C 7 -14.10 1.08 6.57
CA TRP C 7 -13.90 -0.34 6.26
C TRP C 7 -15.18 -1.01 5.75
N GLY C 8 -15.15 -1.45 4.50
CA GLY C 8 -16.30 -2.12 3.92
C GLY C 8 -16.06 -3.61 3.80
N ALA C 9 -17.13 -4.36 3.59
CA ALA C 9 -17.03 -5.82 3.44
C ALA C 9 -17.61 -6.27 2.11
N LEU C 10 -16.73 -6.64 1.18
CA LEU C 10 -17.12 -7.10 -0.16
C LEU C 10 -18.46 -7.83 -0.19
N GLY C 11 -19.28 -7.51 -1.18
CA GLY C 11 -20.58 -8.16 -1.31
C GLY C 11 -21.71 -7.45 -0.58
N GLN C 12 -21.36 -6.65 0.42
CA GLN C 12 -22.38 -5.94 1.19
C GLN C 12 -22.45 -4.43 0.90
N ASP C 13 -23.49 -3.78 1.42
CA ASP C 13 -23.71 -2.34 1.23
C ASP C 13 -23.15 -1.53 2.39
N ILE C 14 -22.72 -0.30 2.09
CA ILE C 14 -22.15 0.56 3.11
C ILE C 14 -22.77 1.97 3.06
N ASN C 15 -22.50 2.76 4.09
CA ASN C 15 -23.02 4.12 4.18
C ASN C 15 -21.92 5.14 4.49
N LEU C 16 -21.77 6.13 3.60
CA LEU C 16 -20.79 7.18 3.78
C LEU C 16 -21.46 8.35 4.48
N ASP C 17 -21.49 8.29 5.81
CA ASP C 17 -22.13 9.32 6.61
C ASP C 17 -21.26 10.52 6.92
N ILE C 18 -21.86 11.69 6.92
CA ILE C 18 -21.15 12.93 7.26
C ILE C 18 -21.46 13.18 8.72
N PRO C 19 -20.41 13.34 9.55
CA PRO C 19 -20.52 13.59 10.99
C PRO C 19 -21.57 14.59 11.44
N SER C 20 -21.12 15.59 12.20
CA SER C 20 -22.00 16.63 12.72
C SER C 20 -22.60 17.49 11.64
N PHE C 21 -23.26 16.86 10.67
CA PHE C 21 -23.88 17.62 9.61
C PHE C 21 -25.40 17.58 9.80
N GLN C 22 -26.03 18.74 9.67
CA GLN C 22 -27.48 18.87 9.81
C GLN C 22 -28.06 19.47 8.53
N MET C 23 -29.11 18.85 8.01
CA MET C 23 -29.74 19.33 6.79
C MET C 23 -30.67 20.50 7.08
N SER C 24 -30.55 21.56 6.28
CA SER C 24 -31.38 22.74 6.45
C SER C 24 -32.01 23.12 5.11
N ASP C 25 -32.18 24.41 4.88
CA ASP C 25 -32.75 24.89 3.63
C ASP C 25 -31.70 25.75 2.93
N ASP C 26 -30.64 26.08 3.68
CA ASP C 26 -29.55 26.88 3.14
C ASP C 26 -28.60 26.01 2.33
N ILE C 27 -28.86 24.72 2.32
CA ILE C 27 -28.04 23.78 1.57
C ILE C 27 -28.50 23.76 0.12
N ASP C 28 -27.58 24.01 -0.81
CA ASP C 28 -27.91 24.06 -2.23
C ASP C 28 -27.25 22.96 -3.06
N ASP C 29 -25.98 22.71 -2.83
CA ASP C 29 -25.27 21.70 -3.59
C ASP C 29 -24.54 20.68 -2.72
N ILE C 30 -24.89 19.41 -2.91
CA ILE C 30 -24.26 18.31 -2.18
C ILE C 30 -23.55 17.48 -3.24
N LYS C 31 -22.22 17.53 -3.24
CA LYS C 31 -21.42 16.80 -4.22
C LYS C 31 -20.64 15.63 -3.66
N TRP C 32 -20.78 14.48 -4.31
CA TRP C 32 -20.09 13.25 -3.92
C TRP C 32 -19.17 12.88 -5.08
N GLU C 33 -17.87 13.06 -4.88
CA GLU C 33 -16.92 12.77 -5.94
C GLU C 33 -15.99 11.60 -5.65
N LYS C 34 -15.68 10.85 -6.70
CA LYS C 34 -14.80 9.70 -6.63
C LYS C 34 -13.43 10.11 -7.18
N THR C 35 -12.58 10.62 -6.31
CA THR C 35 -11.25 11.08 -6.68
C THR C 35 -10.64 10.50 -7.95
N SER C 36 -9.95 9.36 -7.80
CA SER C 36 -9.29 8.68 -8.91
C SER C 36 -9.73 9.04 -10.32
N ASP C 37 -10.89 8.53 -10.72
CA ASP C 37 -11.41 8.78 -12.06
C ASP C 37 -11.97 10.19 -12.26
N LYS C 38 -11.80 11.04 -11.24
CA LYS C 38 -12.27 12.42 -11.27
C LYS C 38 -13.63 12.55 -11.90
N LYS C 39 -14.66 12.34 -11.10
CA LYS C 39 -16.03 12.43 -11.58
C LYS C 39 -17.03 12.29 -10.44
N LYS C 40 -18.11 13.05 -10.53
CA LYS C 40 -19.14 13.02 -9.51
C LYS C 40 -20.05 11.82 -9.76
N ILE C 41 -20.53 11.23 -8.67
CA ILE C 41 -21.39 10.07 -8.75
C ILE C 41 -22.80 10.40 -8.25
N ALA C 42 -22.87 11.26 -7.24
CA ALA C 42 -24.14 11.69 -6.66
C ALA C 42 -24.08 13.19 -6.35
N GLN C 43 -25.17 13.91 -6.63
CA GLN C 43 -25.24 15.34 -6.39
C GLN C 43 -26.67 15.85 -6.14
N PHE C 44 -26.88 16.44 -4.97
CA PHE C 44 -28.18 16.98 -4.63
C PHE C 44 -28.17 18.48 -4.85
N ARG C 45 -29.05 18.92 -5.74
CA ARG C 45 -29.17 20.32 -6.06
C ARG C 45 -30.57 20.77 -5.70
N LYS C 46 -30.65 21.49 -4.58
CA LYS C 46 -31.89 22.01 -4.03
C LYS C 46 -33.12 21.65 -4.84
N GLU C 47 -33.30 22.32 -5.98
CA GLU C 47 -34.43 22.02 -6.83
C GLU C 47 -34.06 21.96 -8.31
N LYS C 48 -33.49 20.83 -8.69
CA LYS C 48 -33.08 20.51 -10.06
C LYS C 48 -32.98 19.00 -10.19
N GLU C 49 -33.77 18.39 -9.33
CA GLU C 49 -33.88 16.94 -9.18
C GLU C 49 -32.52 16.38 -8.79
N THR C 50 -32.55 15.11 -8.51
CA THR C 50 -31.40 14.37 -8.03
C THR C 50 -30.71 13.65 -9.16
N PHE C 51 -29.42 13.52 -9.00
CA PHE C 51 -28.58 12.89 -10.00
C PHE C 51 -27.77 11.75 -9.39
N LYS C 52 -27.79 10.63 -10.08
CA LYS C 52 -27.05 9.45 -9.66
C LYS C 52 -26.51 8.75 -10.90
N GLU C 53 -25.20 8.69 -11.02
CA GLU C 53 -24.58 8.04 -12.16
C GLU C 53 -25.07 6.61 -12.33
N LYS C 54 -24.93 5.80 -11.27
CA LYS C 54 -25.37 4.40 -11.28
C LYS C 54 -26.33 4.13 -10.12
N ASP C 55 -27.27 3.20 -10.31
CA ASP C 55 -28.21 2.89 -9.24
C ASP C 55 -27.43 2.30 -8.06
N THR C 56 -26.18 1.94 -8.32
CA THR C 56 -25.31 1.39 -7.29
C THR C 56 -25.21 2.41 -6.16
N TYR C 57 -25.45 3.67 -6.51
CA TYR C 57 -25.39 4.74 -5.53
C TYR C 57 -26.77 5.29 -5.25
N GLU C 58 -26.96 5.79 -4.04
CA GLU C 58 -28.23 6.36 -3.63
C GLU C 58 -28.03 7.42 -2.56
N LEU C 59 -28.57 8.61 -2.81
CA LEU C 59 -28.47 9.70 -1.86
C LEU C 59 -29.41 9.40 -0.70
N LEU C 60 -28.89 9.52 0.51
CA LEU C 60 -29.72 9.24 1.68
C LEU C 60 -29.95 10.48 2.53
N LYS C 61 -31.10 10.51 3.18
CA LYS C 61 -31.51 11.61 4.04
C LYS C 61 -30.37 11.99 4.99
N ASN C 62 -29.50 12.88 4.51
CA ASN C 62 -28.34 13.36 5.26
C ASN C 62 -27.26 13.75 4.27
N GLY C 63 -27.57 13.55 2.99
CA GLY C 63 -26.61 13.86 1.95
C GLY C 63 -25.54 12.79 2.00
N ALA C 64 -25.88 11.66 2.59
CA ALA C 64 -24.95 10.55 2.71
C ALA C 64 -24.95 9.73 1.43
N LEU C 65 -23.82 9.11 1.14
CA LEU C 65 -23.69 8.30 -0.05
C LEU C 65 -23.79 6.82 0.31
N LYS C 66 -24.57 6.08 -0.48
CA LYS C 66 -24.74 4.65 -0.24
C LYS C 66 -24.22 3.84 -1.42
N ILE C 67 -23.22 3.01 -1.17
CA ILE C 67 -22.63 2.15 -2.20
C ILE C 67 -23.11 0.71 -2.02
N LYS C 68 -24.10 0.34 -2.83
CA LYS C 68 -24.69 -0.99 -2.80
C LYS C 68 -23.72 -2.07 -3.27
N HIS C 69 -23.88 -3.27 -2.71
CA HIS C 69 -23.03 -4.42 -3.03
C HIS C 69 -21.62 -4.01 -3.44
N LEU C 70 -20.83 -3.65 -2.44
CA LEU C 70 -19.45 -3.23 -2.69
C LEU C 70 -18.77 -4.17 -3.68
N LYS C 71 -17.74 -3.66 -4.33
CA LYS C 71 -16.98 -4.42 -5.32
C LYS C 71 -15.50 -4.10 -5.16
N THR C 72 -14.69 -4.60 -6.10
CA THR C 72 -13.26 -4.38 -6.06
C THR C 72 -12.85 -2.98 -6.53
N ASP C 73 -13.62 -2.42 -7.45
CA ASP C 73 -13.34 -1.09 -7.97
C ASP C 73 -13.99 -0.02 -7.11
N ASP C 74 -14.87 -0.47 -6.21
CA ASP C 74 -15.58 0.43 -5.31
C ASP C 74 -14.70 0.86 -4.15
N GLN C 75 -13.41 0.59 -4.25
CA GLN C 75 -12.49 0.98 -3.20
C GLN C 75 -11.72 2.18 -3.73
N ASP C 76 -11.91 3.33 -3.12
CA ASP C 76 -11.25 4.54 -3.57
C ASP C 76 -11.27 5.63 -2.51
N ILE C 77 -11.00 6.86 -2.96
CA ILE C 77 -11.00 8.03 -2.10
C ILE C 77 -12.19 8.89 -2.53
N TYR C 78 -13.22 8.89 -1.69
CA TYR C 78 -14.44 9.65 -1.95
C TYR C 78 -14.40 11.00 -1.28
N LYS C 79 -15.06 11.98 -1.88
CA LYS C 79 -15.09 13.32 -1.33
C LYS C 79 -16.49 13.91 -1.38
N VAL C 80 -16.78 14.78 -0.42
CA VAL C 80 -18.07 15.44 -0.33
C VAL C 80 -17.89 16.95 -0.31
N SER C 81 -18.58 17.65 -1.22
CA SER C 81 -18.49 19.09 -1.29
C SER C 81 -19.91 19.66 -1.17
N ILE C 82 -20.18 20.34 -0.07
CA ILE C 82 -21.50 20.91 0.15
C ILE C 82 -21.49 22.43 0.18
N TYR C 83 -22.34 23.04 -0.64
CA TYR C 83 -22.45 24.50 -0.73
C TYR C 83 -23.85 24.99 -0.41
N ASP C 84 -23.96 26.29 -0.08
CA ASP C 84 -25.25 26.88 0.26
C ASP C 84 -25.83 27.66 -0.93
N THR C 85 -26.93 28.36 -0.69
CA THR C 85 -27.58 29.12 -1.75
C THR C 85 -26.82 30.38 -2.12
N LYS C 86 -25.61 30.51 -1.58
CA LYS C 86 -24.76 31.67 -1.84
C LYS C 86 -23.48 31.28 -2.55
N GLY C 87 -23.26 29.97 -2.69
CA GLY C 87 -22.07 29.49 -3.33
C GLY C 87 -20.95 29.24 -2.34
N LYS C 88 -21.26 29.40 -1.05
CA LYS C 88 -20.28 29.20 0.00
C LYS C 88 -20.03 27.73 0.27
N ASN C 89 -18.89 27.44 0.90
CA ASN C 89 -18.56 26.06 1.21
C ASN C 89 -18.86 25.71 2.65
N VAL C 90 -19.93 24.94 2.85
CA VAL C 90 -20.31 24.55 4.20
C VAL C 90 -19.30 23.59 4.83
N LEU C 91 -18.83 22.62 4.05
CA LEU C 91 -17.85 21.66 4.55
C LEU C 91 -17.35 20.74 3.45
N GLU C 92 -16.07 20.40 3.52
CA GLU C 92 -15.40 19.53 2.54
C GLU C 92 -14.67 18.38 3.26
N LYS C 93 -15.27 17.19 3.25
CA LYS C 93 -14.64 16.04 3.90
C LYS C 93 -14.27 14.91 2.95
N ILE C 94 -13.41 14.01 3.39
CA ILE C 94 -12.96 12.90 2.57
C ILE C 94 -13.02 11.57 3.29
N PHE C 95 -13.52 10.55 2.62
CA PHE C 95 -13.62 9.21 3.21
C PHE C 95 -12.68 8.25 2.51
N ASP C 96 -12.10 7.31 3.24
CA ASP C 96 -11.20 6.33 2.64
C ASP C 96 -11.81 4.93 2.70
N LEU C 97 -12.58 4.60 1.67
CA LEU C 97 -13.22 3.30 1.59
C LEU C 97 -12.24 2.18 1.30
N LYS C 98 -12.09 1.28 2.27
CA LYS C 98 -11.19 0.14 2.15
C LYS C 98 -11.96 -1.16 2.38
N ILE C 99 -12.35 -1.82 1.29
CA ILE C 99 -13.08 -3.08 1.38
C ILE C 99 -12.12 -4.23 1.67
N GLN C 100 -12.58 -5.16 2.50
CA GLN C 100 -11.77 -6.30 2.90
C GLN C 100 -12.34 -7.62 2.40
N GLU C 101 -11.53 -8.67 2.49
CA GLU C 101 -11.94 -10.01 2.09
C GLU C 101 -11.91 -10.95 3.28
N ARG C 102 -13.10 -11.18 3.87
CA ARG C 102 -13.23 -12.07 5.02
C ARG C 102 -13.49 -13.50 4.57
N SER D 1 -1.68 23.95 -13.47
CA SER D 1 -1.97 25.02 -14.46
C SER D 1 -2.27 26.34 -13.77
N SER D 2 -1.26 27.20 -13.66
CA SER D 2 -1.43 28.50 -13.00
C SER D 2 -1.03 29.68 -13.89
N GLN D 3 -1.77 30.78 -13.74
CA GLN D 3 -1.53 32.00 -14.50
C GLN D 3 -1.86 33.26 -13.69
N GLN D 4 -1.05 34.30 -13.88
CA GLN D 4 -1.24 35.57 -13.16
C GLN D 4 -1.93 36.63 -14.01
N ILE D 5 -3.05 37.13 -13.50
CA ILE D 5 -3.83 38.15 -14.19
C ILE D 5 -3.80 39.48 -13.44
N TYR D 6 -3.38 40.53 -14.13
CA TYR D 6 -3.28 41.87 -13.55
C TYR D 6 -4.40 42.80 -14.01
N GLY D 7 -5.25 43.22 -13.09
CA GLY D 7 -6.34 44.10 -13.43
C GLY D 7 -6.20 45.43 -12.72
N VAL D 8 -7.27 46.23 -12.77
CA VAL D 8 -7.29 47.54 -12.13
C VAL D 8 -8.67 47.84 -11.58
N LYS D 9 -8.71 48.31 -10.34
CA LYS D 9 -9.97 48.64 -9.69
C LYS D 9 -10.91 49.39 -10.64
N TYR D 10 -12.21 49.15 -10.46
CA TYR D 10 -13.24 49.79 -11.30
C TYR D 10 -13.20 49.29 -12.74
N GLY D 11 -12.12 48.63 -13.12
CA GLY D 11 -12.03 48.12 -14.48
C GLY D 11 -12.65 46.74 -14.50
N ASN D 12 -12.20 45.91 -15.44
CA ASN D 12 -12.71 44.54 -15.54
C ASN D 12 -11.69 43.64 -16.23
N VAL D 13 -11.74 42.37 -15.87
CA VAL D 13 -10.83 41.39 -16.42
C VAL D 13 -11.56 40.23 -17.07
N THR D 14 -10.76 39.31 -17.63
CA THR D 14 -11.30 38.14 -18.31
C THR D 14 -10.31 36.96 -18.23
N PHE D 15 -10.77 35.85 -17.67
CA PHE D 15 -9.94 34.66 -17.55
C PHE D 15 -10.08 33.80 -18.80
N HIS D 16 -9.09 33.89 -19.68
CA HIS D 16 -9.09 33.13 -20.92
C HIS D 16 -8.88 31.63 -20.70
N VAL D 17 -9.81 30.84 -21.23
CA VAL D 17 -9.73 29.39 -21.13
C VAL D 17 -9.64 28.82 -22.55
N PRO D 18 -8.57 28.04 -22.82
CA PRO D 18 -8.35 27.44 -24.15
C PRO D 18 -9.34 26.32 -24.41
N SER D 19 -10.46 26.64 -25.04
CA SER D 19 -11.48 25.64 -25.31
C SER D 19 -11.60 25.27 -26.78
N ASN D 20 -11.78 23.98 -27.02
CA ASN D 20 -11.93 23.45 -28.36
C ASN D 20 -13.31 22.78 -28.45
N GLN D 21 -13.70 22.13 -27.36
CA GLN D 21 -15.00 21.45 -27.27
C GLN D 21 -15.91 22.19 -26.29
N PRO D 22 -17.14 22.57 -26.74
CA PRO D 22 -18.08 23.29 -25.89
C PRO D 22 -18.40 22.57 -24.58
N LEU D 23 -17.66 22.90 -23.53
CA LEU D 23 -17.86 22.28 -22.23
C LEU D 23 -19.32 22.45 -21.84
N LYS D 24 -19.99 21.33 -21.61
CA LYS D 24 -21.39 21.35 -21.23
C LYS D 24 -21.56 21.53 -19.73
N GLU D 25 -20.47 21.88 -19.05
CA GLU D 25 -20.52 22.09 -17.61
C GLU D 25 -19.22 22.72 -17.14
N VAL D 26 -19.35 23.81 -16.40
CA VAL D 26 -18.19 24.53 -15.87
C VAL D 26 -18.52 25.16 -14.52
N LEU D 27 -17.52 25.22 -13.66
CA LEU D 27 -17.70 25.80 -12.34
C LEU D 27 -16.49 26.66 -12.01
N TRP D 28 -16.71 27.93 -11.71
CA TRP D 28 -15.61 28.82 -11.37
C TRP D 28 -15.57 29.01 -9.87
N LYS D 29 -14.36 29.06 -9.31
CA LYS D 29 -14.18 29.23 -7.87
C LYS D 29 -13.22 30.34 -7.48
N LYS D 30 -13.57 31.03 -6.41
CA LYS D 30 -12.71 32.09 -5.89
C LYS D 30 -12.09 31.51 -4.63
N GLN D 31 -11.71 30.24 -4.71
CA GLN D 31 -11.09 29.48 -3.62
C GLN D 31 -12.14 28.95 -2.63
N LYS D 32 -12.34 27.63 -2.67
CA LYS D 32 -13.30 26.94 -1.80
C LYS D 32 -14.75 27.41 -1.96
N ASP D 33 -14.92 28.64 -2.44
CA ASP D 33 -16.25 29.21 -2.64
C ASP D 33 -16.52 29.43 -4.14
N LYS D 34 -17.80 29.31 -4.51
CA LYS D 34 -18.25 29.47 -5.89
C LYS D 34 -18.24 30.90 -6.38
N VAL D 35 -18.36 31.04 -7.70
CA VAL D 35 -18.40 32.33 -8.37
C VAL D 35 -19.54 32.22 -9.39
N ALA D 36 -19.32 31.38 -10.40
CA ALA D 36 -20.30 31.13 -11.47
C ALA D 36 -20.38 29.64 -11.82
N GLU D 37 -21.55 29.22 -12.33
CA GLU D 37 -21.80 27.83 -12.71
C GLU D 37 -22.02 27.67 -14.20
N LEU D 38 -22.72 26.60 -14.55
CA LEU D 38 -23.04 26.28 -15.92
C LEU D 38 -23.45 24.83 -16.03
N GLU D 39 -24.65 24.55 -15.53
CA GLU D 39 -25.20 23.21 -15.58
C GLU D 39 -26.21 23.16 -16.71
N ASN D 40 -26.03 22.18 -17.59
CA ASN D 40 -26.90 21.95 -18.74
C ASN D 40 -27.46 23.22 -19.36
N SER D 41 -26.62 24.27 -19.39
CA SER D 41 -26.98 25.57 -19.93
C SER D 41 -27.80 26.39 -18.93
N GLU D 42 -27.37 26.37 -17.67
CA GLU D 42 -28.05 27.11 -16.63
C GLU D 42 -27.07 27.96 -15.84
N PHE D 43 -26.78 29.14 -16.38
CA PHE D 43 -25.85 30.08 -15.76
C PHE D 43 -26.35 30.52 -14.38
N ARG D 44 -25.44 30.66 -13.43
CA ARG D 44 -25.80 31.08 -12.07
C ARG D 44 -24.62 31.69 -11.31
N ALA D 45 -24.69 32.99 -11.07
CA ALA D 45 -23.63 33.70 -10.34
C ALA D 45 -23.95 33.67 -8.86
N PHE D 46 -22.92 33.85 -8.05
CA PHE D 46 -23.14 33.83 -6.62
C PHE D 46 -22.56 35.02 -5.92
N SER D 47 -23.15 35.31 -4.77
CA SER D 47 -22.70 36.42 -3.95
C SER D 47 -22.48 37.67 -4.79
N SER D 48 -21.43 38.39 -4.41
CA SER D 48 -21.06 39.64 -5.05
C SER D 48 -20.97 39.59 -6.56
N PHE D 49 -20.67 38.43 -7.10
CA PHE D 49 -20.51 38.31 -8.54
C PHE D 49 -21.78 38.33 -9.38
N LYS D 50 -22.93 38.51 -8.74
CA LYS D 50 -24.18 38.56 -9.48
C LYS D 50 -24.18 39.78 -10.41
N ASN D 51 -24.70 39.61 -11.63
CA ASN D 51 -24.75 40.70 -12.62
C ASN D 51 -23.37 41.21 -13.01
N ARG D 52 -22.37 40.72 -12.28
CA ARG D 52 -20.98 41.12 -12.44
C ARG D 52 -20.17 40.35 -13.46
N VAL D 53 -20.61 39.15 -13.83
CA VAL D 53 -19.84 38.35 -14.75
C VAL D 53 -20.54 37.86 -16.01
N TYR D 54 -19.75 37.28 -16.92
CA TYR D 54 -20.23 36.72 -18.18
C TYR D 54 -19.42 35.46 -18.48
N LEU D 55 -20.11 34.38 -18.84
CA LEU D 55 -19.44 33.11 -19.14
C LEU D 55 -19.57 32.67 -20.59
N ASP D 56 -18.44 32.38 -21.21
CA ASP D 56 -18.39 31.93 -22.60
C ASP D 56 -19.03 30.56 -22.74
N THR D 57 -20.23 30.52 -23.29
CA THR D 57 -20.92 29.26 -23.47
C THR D 57 -20.19 28.40 -24.47
N LYS D 58 -18.88 28.53 -24.50
CA LYS D 58 -18.05 27.74 -25.40
C LYS D 58 -16.68 27.59 -24.79
N SER D 59 -15.91 28.68 -24.83
CA SER D 59 -14.56 28.68 -24.28
C SER D 59 -14.58 28.62 -22.76
N GLY D 60 -15.77 28.62 -22.18
CA GLY D 60 -15.89 28.58 -20.74
C GLY D 60 -15.10 29.68 -20.05
N SER D 61 -14.68 30.67 -20.83
CA SER D 61 -13.92 31.79 -20.29
C SER D 61 -14.81 32.70 -19.47
N LEU D 62 -14.34 33.10 -18.28
CA LEU D 62 -15.11 33.98 -17.40
C LEU D 62 -14.61 35.43 -17.43
N THR D 63 -15.55 36.37 -17.43
CA THR D 63 -15.22 37.79 -17.44
C THR D 63 -15.90 38.49 -16.28
N ILE D 64 -15.11 39.01 -15.37
CA ILE D 64 -15.63 39.72 -14.21
C ILE D 64 -15.74 41.20 -14.53
N TYR D 65 -16.84 41.82 -14.09
CA TYR D 65 -17.08 43.25 -14.32
C TYR D 65 -16.99 44.04 -13.03
N ASN D 66 -16.34 45.20 -13.09
CA ASN D 66 -16.20 46.08 -11.93
C ASN D 66 -15.31 45.54 -10.81
N LEU D 67 -14.00 45.60 -11.00
CA LEU D 67 -13.06 45.12 -9.99
C LEU D 67 -13.30 45.90 -8.71
N THR D 68 -13.23 45.22 -7.57
CA THR D 68 -13.50 45.89 -6.31
C THR D 68 -12.42 45.81 -5.24
N SER D 69 -11.20 45.46 -5.62
CA SER D 69 -10.11 45.36 -4.66
C SER D 69 -10.34 44.25 -3.64
N SER D 70 -11.58 43.76 -3.56
CA SER D 70 -11.91 42.69 -2.62
C SER D 70 -11.91 41.39 -3.41
N ASP D 71 -11.53 41.49 -4.68
CA ASP D 71 -11.50 40.34 -5.58
C ASP D 71 -10.11 39.76 -5.80
N GLU D 72 -9.09 40.50 -5.38
CA GLU D 72 -7.71 40.07 -5.53
C GLU D 72 -7.50 38.77 -4.73
N ASP D 73 -7.73 37.65 -5.40
CA ASP D 73 -7.60 36.36 -4.76
C ASP D 73 -7.16 35.27 -5.73
N GLU D 74 -7.40 34.03 -5.33
CA GLU D 74 -7.04 32.87 -6.14
C GLU D 74 -8.30 32.27 -6.76
N TYR D 75 -8.29 32.10 -8.07
CA TYR D 75 -9.43 31.55 -8.78
C TYR D 75 -9.08 30.26 -9.48
N GLU D 76 -10.05 29.35 -9.57
CA GLU D 76 -9.85 28.06 -10.22
C GLU D 76 -11.15 27.62 -10.86
N MET D 77 -11.04 26.87 -11.96
CA MET D 77 -12.23 26.39 -12.63
C MET D 77 -12.17 24.88 -12.81
N GLU D 78 -13.35 24.24 -12.91
CA GLU D 78 -13.44 22.79 -13.07
C GLU D 78 -14.40 22.42 -14.20
N SER D 79 -14.31 21.16 -14.66
CA SER D 79 -15.16 20.67 -15.73
C SER D 79 -14.94 19.16 -15.95
N PRO D 80 -16.01 18.43 -16.32
CA PRO D 80 -15.88 16.99 -16.56
C PRO D 80 -14.76 16.78 -17.57
N ASN D 81 -14.81 17.56 -18.66
CA ASN D 81 -13.76 17.52 -19.67
C ASN D 81 -12.58 17.92 -18.80
N ILE D 82 -11.46 17.22 -18.92
CA ILE D 82 -10.36 17.51 -18.02
C ILE D 82 -8.89 17.40 -18.49
N THR D 83 -8.02 17.59 -17.50
CA THR D 83 -6.57 17.53 -17.60
C THR D 83 -6.21 17.54 -16.11
N ASP D 84 -7.01 18.30 -15.37
CA ASP D 84 -6.92 18.48 -13.91
C ASP D 84 -7.45 19.86 -13.48
N SER D 85 -6.70 20.91 -13.76
CA SER D 85 -7.14 22.23 -13.34
C SER D 85 -6.71 23.38 -14.23
N MET D 86 -6.98 24.57 -13.72
CA MET D 86 -6.65 25.81 -14.37
C MET D 86 -6.85 26.87 -13.31
N LYS D 87 -5.80 27.12 -12.54
CA LYS D 87 -5.85 28.09 -11.45
C LYS D 87 -5.31 29.45 -11.87
N PHE D 88 -6.15 30.47 -11.77
CA PHE D 88 -5.76 31.83 -12.11
C PHE D 88 -5.62 32.63 -10.84
N PHE D 89 -4.75 33.63 -10.87
CA PHE D 89 -4.57 34.48 -9.71
C PHE D 89 -4.81 35.93 -10.11
N LEU D 90 -5.96 36.47 -9.73
CA LEU D 90 -6.28 37.84 -10.08
C LEU D 90 -5.70 38.84 -9.08
N TYR D 91 -4.81 39.69 -9.58
CA TYR D 91 -4.20 40.71 -8.75
C TYR D 91 -4.87 42.04 -9.07
N VAL D 92 -5.92 42.36 -8.32
CA VAL D 92 -6.65 43.60 -8.52
C VAL D 92 -5.70 44.79 -8.46
N GLY D 93 -5.05 45.08 -9.58
CA GLY D 93 -4.13 46.20 -9.61
C GLY D 93 -4.87 47.41 -9.06
N GLU D 94 -4.17 48.26 -8.32
CA GLU D 94 -4.80 49.44 -7.74
C GLU D 94 -5.04 50.54 -8.79
N SER D 95 -3.96 51.10 -9.32
CA SER D 95 -4.03 52.17 -10.33
C SER D 95 -2.65 52.52 -10.92
#